data_1U30
#
_entry.id   1U30
#
_cell.length_a   52.26
_cell.length_b   68.63
_cell.length_c   131.40
_cell.angle_alpha   90.0
_cell.angle_beta   90.0
_cell.angle_gamma   90.0
#
_symmetry.space_group_name_H-M   'P 21 21 21'
#
loop_
_entity.id
_entity.type
_entity.pdbx_description
1 polymer 'Alpha-amylase, pancreatic'
2 non-polymer 2-acetamido-2-deoxy-beta-D-glucopyranose
3 non-polymer 'MALTOSYL-ALPHA (1,4)-(Z,3S,4S,5R,6R)-3,4,5-TRIHYDROXY-6-HYDROXYMETHYL-PIPERIDIN-2-ONE OXIME'
4 non-polymer 'CALCIUM ION'
5 non-polymer 'CHLORIDE ION'
6 non-polymer (2S,3S,4R,5R)-6-(HYDROXYAMINO)-2-(HYDROXYMETHYL)-2,3,4,5-TETRAHYDROPYRIDINE-3,4,5-TRIOL
7 water water
#
_entity_poly.entity_id   1
_entity_poly.type   'polypeptide(L)'
_entity_poly.pdbx_seq_one_letter_code
;(PCA)YSPNTQQGRTSIVHLFEWRWVDIALECERYLAPKGFGGVQVSPPNENVAIYNPFRPWWERYQPVSYKLCTRSGNE
DEFRNMVTRCNNVGVRIYVDAVINHMCGNAVSAGTSSTCGSYFNPGSRDFPAVPYSGWDFNDGKCKTGSGDIENYNDATQ
VRDCRLTGLLDLALEKDYVRSKIAEYMNHLIDIGVAGFRLDASKHMWPGDIKAILDKLHNLNSNWFPAGSKPFIYQEVID
LGGEPIKSSDYFGNGRVTEFKYGAKLGTVIRKWNGEKMSYLKNWGEGWGFVPSDRALVFVDNHDNQRGHGAGGASILTFW
DARLYKMAVGFMLAHPYGFTRVMSSYRWPRQFQNGNDVNDWVGPPNNNGVIKEVTINPDTTCGNDWVCEHRWRQIRNMVI
FRNVVDGQPFTNWYDNGSNQVAFGRGNRGFIVFNNDDWSFSLTLQTGLPAGTYCDVISGDKINGNCTGIKIYVSDDGKAH
FSISNSAEDPFIAIHAESKL
;
_entity_poly.pdbx_strand_id   A
#
loop_
_chem_comp.id
_chem_comp.type
_chem_comp.name
_chem_comp.formula
CA non-polymer 'CALCIUM ION' 'Ca 2'
CL non-polymer 'CHLORIDE ION' 'Cl -1'
GOX non-polymer (2S,3S,4R,5R)-6-(HYDROXYAMINO)-2-(HYDROXYMETHYL)-2,3,4,5-TETRAHYDROPYRIDINE-3,4,5-TRIOL 'C6 H12 N2 O5'
LAG saccharide 'MALTOSYL-ALPHA (1,4)-(Z,3S,4S,5R,6R)-3,4,5-TRIHYDROXY-6-HYDROXYMETHYL-PIPERIDIN-2-ONE OXIME' 'C18 H32 N2 O15'
NAG D-saccharide, beta linking 2-acetamido-2-deoxy-beta-D-glucopyranose 'C8 H15 N O6'
#
# COMPACT_ATOMS: atom_id res chain seq x y z
N PCA A 1 9.10 -0.38 15.37
CA PCA A 1 8.50 0.23 14.20
CB PCA A 1 8.87 1.69 14.27
CG PCA A 1 9.91 1.75 15.28
CD PCA A 1 9.97 0.52 16.06
OE PCA A 1 10.72 0.20 17.04
C PCA A 1 9.01 -0.37 12.89
O PCA A 1 8.57 0.07 11.79
N TYR A 2 9.90 -1.34 12.90
CA TYR A 2 10.41 -1.89 11.65
C TYR A 2 9.82 -3.25 11.30
N SER A 3 9.48 -4.02 12.33
CA SER A 3 8.91 -5.35 12.16
C SER A 3 7.40 -5.23 11.89
N PRO A 4 6.89 -5.91 10.83
CA PRO A 4 5.48 -5.89 10.43
C PRO A 4 4.45 -6.38 11.45
N ASN A 5 4.90 -7.24 12.37
CA ASN A 5 4.06 -7.85 13.42
C ASN A 5 2.99 -8.77 12.83
N THR A 6 3.28 -9.29 11.64
CA THR A 6 2.39 -10.22 10.96
C THR A 6 2.66 -11.62 11.54
N GLN A 7 1.74 -12.54 11.28
CA GLN A 7 1.88 -13.92 11.74
C GLN A 7 2.98 -14.55 10.91
N GLN A 8 3.78 -15.39 11.55
CA GLN A 8 4.90 -16.07 10.89
C GLN A 8 4.45 -16.82 9.64
N GLY A 9 5.05 -16.46 8.50
CA GLY A 9 4.71 -17.07 7.24
C GLY A 9 3.76 -16.28 6.35
N ARG A 10 3.34 -15.10 6.81
CA ARG A 10 2.43 -14.22 6.05
C ARG A 10 3.25 -12.95 5.79
N THR A 11 3.55 -12.70 4.51
CA THR A 11 4.44 -11.61 4.09
C THR A 11 3.95 -10.34 3.36
N SER A 12 2.64 -10.19 3.17
CA SER A 12 2.12 -9.02 2.46
C SER A 12 0.91 -8.40 3.11
N ILE A 13 0.72 -7.10 2.88
CA ILE A 13 -0.45 -6.40 3.36
C ILE A 13 -1.23 -5.88 2.15
N VAL A 14 -2.53 -5.73 2.30
CA VAL A 14 -3.39 -5.24 1.23
C VAL A 14 -4.08 -3.93 1.62
N HIS A 15 -4.10 -2.96 0.70
CA HIS A 15 -4.78 -1.70 0.94
C HIS A 15 -6.22 -1.84 0.45
N LEU A 16 -7.14 -2.10 1.38
CA LEU A 16 -8.56 -2.22 1.05
C LEU A 16 -9.15 -0.81 1.10
N PHE A 17 -8.77 -0.05 0.06
CA PHE A 17 -9.12 1.34 -0.14
C PHE A 17 -10.61 1.64 -0.15
N GLU A 18 -11.01 2.47 0.82
CA GLU A 18 -12.39 2.92 1.02
C GLU A 18 -13.44 1.87 1.39
N TRP A 19 -12.98 0.68 1.78
CA TRP A 19 -13.87 -0.41 2.18
C TRP A 19 -14.49 -0.12 3.56
N ARG A 20 -15.70 -0.64 3.77
CA ARG A 20 -16.42 -0.50 5.04
C ARG A 20 -15.82 -1.49 6.03
N TRP A 21 -15.94 -1.22 7.33
CA TRP A 21 -15.38 -2.12 8.35
C TRP A 21 -16.00 -3.51 8.39
N VAL A 22 -17.32 -3.58 8.18
CA VAL A 22 -18.05 -4.84 8.19
C VAL A 22 -17.65 -5.75 7.00
N ASP A 23 -17.24 -5.12 5.89
CA ASP A 23 -16.79 -5.83 4.68
C ASP A 23 -15.37 -6.36 4.84
N ILE A 24 -14.51 -5.60 5.55
CA ILE A 24 -13.13 -6.01 5.81
C ILE A 24 -13.12 -7.17 6.81
N ALA A 25 -14.01 -7.10 7.80
CA ALA A 25 -14.17 -8.14 8.82
C ALA A 25 -14.54 -9.47 8.18
N LEU A 26 -15.47 -9.42 7.21
CA LEU A 26 -15.92 -10.59 6.47
C LEU A 26 -14.81 -11.10 5.57
N GLU A 27 -14.10 -10.17 4.94
CA GLU A 27 -12.99 -10.49 4.03
C GLU A 27 -11.81 -11.16 4.75
N CYS A 28 -11.60 -10.77 6.01
CA CYS A 28 -10.54 -11.34 6.83
C CYS A 28 -10.77 -12.83 7.07
N GLU A 29 -12.02 -13.17 7.34
CA GLU A 29 -12.46 -14.54 7.63
C GLU A 29 -12.63 -15.45 6.41
N ARG A 30 -13.27 -14.93 5.35
CA ARG A 30 -13.53 -15.69 4.14
C ARG A 30 -12.42 -15.79 3.10
N TYR A 31 -11.52 -14.80 3.04
CA TYR A 31 -10.48 -14.80 2.02
C TYR A 31 -9.03 -14.58 2.48
N LEU A 32 -8.78 -13.46 3.17
CA LEU A 32 -7.43 -13.09 3.62
C LEU A 32 -6.70 -14.10 4.48
N ALA A 33 -7.37 -14.64 5.50
CA ALA A 33 -6.75 -15.63 6.36
C ALA A 33 -6.52 -16.97 5.63
N PRO A 34 -7.55 -17.56 4.93
CA PRO A 34 -7.35 -18.83 4.21
C PRO A 34 -6.28 -18.77 3.11
N LYS A 35 -6.10 -17.59 2.53
CA LYS A 35 -5.12 -17.39 1.45
C LYS A 35 -3.74 -16.89 1.90
N GLY A 36 -3.58 -16.70 3.21
CA GLY A 36 -2.30 -16.28 3.76
C GLY A 36 -1.85 -14.83 3.67
N PHE A 37 -2.79 -13.88 3.66
CA PHE A 37 -2.44 -12.45 3.63
C PHE A 37 -2.11 -12.02 5.05
N GLY A 38 -1.05 -11.23 5.20
CA GLY A 38 -0.61 -10.77 6.52
C GLY A 38 -1.40 -9.67 7.19
N GLY A 39 -1.89 -8.72 6.40
CA GLY A 39 -2.64 -7.62 6.99
C GLY A 39 -3.41 -6.76 6.02
N VAL A 40 -4.06 -5.74 6.58
CA VAL A 40 -4.87 -4.79 5.83
C VAL A 40 -4.56 -3.34 6.23
N GLN A 41 -4.33 -2.50 5.22
CA GLN A 41 -4.14 -1.08 5.46
C GLN A 41 -5.54 -0.54 5.24
N VAL A 42 -6.08 0.12 6.26
CA VAL A 42 -7.41 0.69 6.16
C VAL A 42 -7.35 2.19 5.85
N SER A 43 -8.45 2.72 5.31
CA SER A 43 -8.56 4.15 5.03
C SER A 43 -8.70 4.86 6.41
N PRO A 44 -8.42 6.19 6.52
CA PRO A 44 -8.52 6.91 7.82
C PRO A 44 -9.82 6.63 8.59
N PRO A 45 -9.71 6.11 9.84
CA PRO A 45 -10.88 5.82 10.66
C PRO A 45 -11.44 6.98 11.45
N ASN A 46 -10.73 8.12 11.42
CA ASN A 46 -11.13 9.33 12.14
C ASN A 46 -12.09 10.20 11.33
N GLU A 47 -12.94 10.94 12.05
CA GLU A 47 -13.93 11.83 11.46
C GLU A 47 -13.34 12.86 10.49
N ASN A 48 -13.97 13.00 9.33
CA ASN A 48 -13.51 13.94 8.31
C ASN A 48 -14.62 14.85 7.81
N VAL A 49 -14.24 15.81 6.95
CA VAL A 49 -15.17 16.76 6.34
C VAL A 49 -15.99 16.04 5.26
N ALA A 50 -17.30 16.31 5.25
CA ALA A 50 -18.21 15.77 4.26
C ALA A 50 -18.26 16.84 3.17
N ILE A 51 -17.46 16.64 2.12
CA ILE A 51 -17.39 17.57 1.00
C ILE A 51 -18.44 17.24 -0.06
N TYR A 52 -19.31 18.21 -0.35
CA TYR A 52 -20.39 18.05 -1.32
C TYR A 52 -20.15 18.65 -2.70
N ASN A 53 -19.06 19.42 -2.83
CA ASN A 53 -18.67 20.05 -4.09
C ASN A 53 -17.15 19.79 -4.28
N PRO A 54 -16.77 18.73 -5.02
CA PRO A 54 -17.55 17.71 -5.74
C PRO A 54 -18.19 16.65 -4.81
N PHE A 55 -19.09 15.82 -5.33
CA PHE A 55 -19.81 14.83 -4.51
C PHE A 55 -18.99 13.73 -3.86
N ARG A 56 -18.82 13.87 -2.54
CA ARG A 56 -18.10 12.93 -1.64
C ARG A 56 -16.86 12.27 -2.25
N PRO A 57 -15.80 13.05 -2.53
CA PRO A 57 -14.57 12.52 -3.11
C PRO A 57 -13.79 11.64 -2.16
N TRP A 58 -12.88 10.82 -2.68
CA TRP A 58 -12.05 9.95 -1.84
C TRP A 58 -11.17 10.78 -0.88
N TRP A 59 -10.71 11.94 -1.39
CA TRP A 59 -9.83 12.85 -0.63
C TRP A 59 -10.37 13.61 0.56
N GLU A 60 -11.68 13.53 0.78
CA GLU A 60 -12.30 14.20 1.93
C GLU A 60 -11.81 13.53 3.23
N ARG A 61 -11.38 12.27 3.11
CA ARG A 61 -10.88 11.48 4.24
C ARG A 61 -9.50 11.91 4.74
N TYR A 62 -8.84 12.76 3.95
CA TYR A 62 -7.53 13.29 4.29
C TYR A 62 -7.65 14.72 4.84
N GLN A 63 -8.88 15.03 5.29
CA GLN A 63 -9.23 16.32 5.89
C GLN A 63 -9.92 16.09 7.26
N PRO A 64 -9.14 15.77 8.33
CA PRO A 64 -9.69 15.52 9.68
C PRO A 64 -10.46 16.65 10.35
N VAL A 65 -11.48 16.27 11.11
CA VAL A 65 -12.34 17.18 11.87
C VAL A 65 -12.15 16.86 13.36
N SER A 66 -11.97 15.58 13.67
CA SER A 66 -11.73 15.09 15.03
C SER A 66 -11.07 13.72 14.97
N TYR A 67 -10.88 13.12 16.14
CA TYR A 67 -10.28 11.80 16.26
C TYR A 67 -11.30 10.73 16.61
N LYS A 68 -12.59 11.09 16.45
CA LYS A 68 -13.70 10.17 16.71
C LYS A 68 -13.73 9.15 15.58
N LEU A 69 -13.89 7.87 15.93
CA LEU A 69 -13.94 6.78 14.95
C LEU A 69 -15.36 6.70 14.39
N CYS A 70 -15.63 7.59 13.44
CA CYS A 70 -16.95 7.75 12.83
C CYS A 70 -16.80 8.28 11.41
N THR A 71 -16.80 7.36 10.44
CA THR A 71 -16.63 7.67 9.02
C THR A 71 -17.65 6.94 8.17
N ARG A 72 -17.55 7.12 6.85
CA ARG A 72 -18.41 6.45 5.87
C ARG A 72 -18.14 4.93 5.87
N SER A 73 -17.01 4.54 6.45
CA SER A 73 -16.63 3.14 6.57
C SER A 73 -17.29 2.50 7.79
N GLY A 74 -17.76 3.33 8.72
CA GLY A 74 -18.45 2.84 9.91
C GLY A 74 -18.10 3.56 11.20
N ASN A 75 -18.73 3.11 12.29
CA ASN A 75 -18.52 3.71 13.61
C ASN A 75 -17.48 2.95 14.46
N GLU A 76 -17.32 3.38 15.71
CA GLU A 76 -16.37 2.78 16.67
C GLU A 76 -16.60 1.29 16.96
N ASP A 77 -17.86 0.90 17.19
CA ASP A 77 -18.22 -0.49 17.46
C ASP A 77 -17.87 -1.40 16.29
N GLU A 78 -18.13 -0.91 15.07
CA GLU A 78 -17.85 -1.64 13.84
C GLU A 78 -16.35 -1.80 13.58
N PHE A 79 -15.57 -0.77 13.96
CA PHE A 79 -14.11 -0.77 13.82
C PHE A 79 -13.48 -1.80 14.74
N ARG A 80 -13.89 -1.78 16.02
CA ARG A 80 -13.40 -2.71 17.03
C ARG A 80 -13.74 -4.15 16.68
N ASN A 81 -14.96 -4.34 16.17
CA ASN A 81 -15.47 -5.64 15.75
C ASN A 81 -14.58 -6.21 14.64
N MET A 82 -14.22 -5.35 13.68
CA MET A 82 -13.36 -5.68 12.55
C MET A 82 -11.96 -6.07 13.00
N VAL A 83 -11.37 -5.25 13.87
CA VAL A 83 -10.02 -5.46 14.41
C VAL A 83 -9.93 -6.78 15.18
N THR A 84 -10.94 -7.04 16.02
CA THR A 84 -11.03 -8.27 16.83
C THR A 84 -11.15 -9.53 15.96
N ARG A 85 -12.06 -9.49 15.00
CA ARG A 85 -12.29 -10.62 14.09
C ARG A 85 -11.11 -10.91 13.16
N CYS A 86 -10.44 -9.85 12.69
CA CYS A 86 -9.28 -9.99 11.82
C CYS A 86 -8.07 -10.55 12.60
N ASN A 87 -7.82 -10.03 13.79
CA ASN A 87 -6.71 -10.49 14.64
C ASN A 87 -6.87 -11.96 15.08
N ASN A 88 -8.11 -12.36 15.38
CA ASN A 88 -8.44 -13.73 15.81
C ASN A 88 -8.22 -14.77 14.72
N VAL A 89 -8.14 -14.29 13.49
CA VAL A 89 -7.92 -15.15 12.34
C VAL A 89 -6.51 -14.90 11.77
N GLY A 90 -5.70 -14.15 12.52
CA GLY A 90 -4.32 -13.84 12.14
C GLY A 90 -4.01 -12.73 11.12
N VAL A 91 -5.01 -11.92 10.75
CA VAL A 91 -4.84 -10.82 9.78
C VAL A 91 -4.76 -9.50 10.54
N ARG A 92 -3.65 -8.79 10.38
CA ARG A 92 -3.43 -7.52 11.08
C ARG A 92 -4.09 -6.30 10.45
N ILE A 93 -4.32 -5.28 11.28
CA ILE A 93 -4.95 -4.04 10.83
C ILE A 93 -3.93 -2.92 11.02
N TYR A 94 -3.74 -2.15 9.94
CA TYR A 94 -2.83 -1.01 9.93
C TYR A 94 -3.65 0.22 9.60
N VAL A 95 -3.50 1.24 10.42
CA VAL A 95 -4.25 2.48 10.28
C VAL A 95 -3.52 3.60 9.54
N ASP A 96 -4.26 4.24 8.64
CA ASP A 96 -3.76 5.39 7.88
C ASP A 96 -3.99 6.59 8.82
N ALA A 97 -2.92 6.98 9.51
CA ALA A 97 -2.93 8.06 10.48
C ALA A 97 -2.60 9.42 9.82
N VAL A 98 -3.62 10.28 9.71
CA VAL A 98 -3.48 11.61 9.10
C VAL A 98 -3.26 12.56 10.27
N ILE A 99 -1.99 12.76 10.62
CA ILE A 99 -1.60 13.55 11.78
C ILE A 99 -0.85 14.86 11.57
N ASN A 100 -0.55 15.18 10.31
CA ASN A 100 0.18 16.40 9.95
C ASN A 100 -0.72 17.64 9.96
N HIS A 101 -1.98 17.40 9.64
CA HIS A 101 -2.93 18.47 9.48
C HIS A 101 -4.37 18.13 9.85
N MET A 102 -5.20 19.17 9.78
CA MET A 102 -6.64 19.05 9.96
C MET A 102 -7.16 19.40 8.54
N CYS A 103 -8.34 20.00 8.41
CA CYS A 103 -8.87 20.31 7.08
C CYS A 103 -8.33 21.56 6.39
N GLY A 104 -8.81 21.81 5.17
CA GLY A 104 -8.41 22.97 4.40
C GLY A 104 -8.93 24.26 5.02
N ASN A 105 -8.14 25.33 4.94
CA ASN A 105 -8.52 26.63 5.53
C ASN A 105 -9.68 27.33 4.82
N ALA A 106 -9.95 26.91 3.58
CA ALA A 106 -11.02 27.45 2.76
C ALA A 106 -12.37 26.76 2.99
N VAL A 107 -12.35 25.64 3.72
CA VAL A 107 -13.57 24.87 4.03
C VAL A 107 -14.49 25.67 4.98
N SER A 108 -15.80 25.61 4.71
CA SER A 108 -16.81 26.31 5.49
C SER A 108 -17.02 25.77 6.89
N ALA A 109 -17.34 26.69 7.80
CA ALA A 109 -17.60 26.40 9.21
C ALA A 109 -18.98 25.76 9.34
N GLY A 110 -19.13 24.86 10.30
CA GLY A 110 -20.40 24.21 10.50
C GLY A 110 -20.26 22.79 11.00
N THR A 111 -21.25 21.96 10.66
CA THR A 111 -21.29 20.56 11.05
C THR A 111 -21.28 19.61 9.84
N SER A 112 -20.69 20.06 8.74
CA SER A 112 -20.58 19.25 7.53
C SER A 112 -19.40 18.29 7.68
N SER A 113 -19.56 17.38 8.64
CA SER A 113 -18.57 16.38 8.99
C SER A 113 -19.26 15.01 9.05
N THR A 114 -18.46 13.95 9.08
CA THR A 114 -18.99 12.58 9.09
C THR A 114 -19.66 12.08 10.36
N CYS A 115 -19.51 12.81 11.47
CA CYS A 115 -20.15 12.45 12.73
C CYS A 115 -20.94 13.62 13.33
N GLY A 116 -21.01 14.71 12.58
CA GLY A 116 -21.75 15.88 13.01
C GLY A 116 -21.05 16.83 13.98
N SER A 117 -19.75 16.63 14.21
CA SER A 117 -18.99 17.49 15.12
C SER A 117 -18.78 18.87 14.48
N TYR A 118 -18.88 19.91 15.30
CA TYR A 118 -18.68 21.29 14.84
C TYR A 118 -17.19 21.57 14.63
N PHE A 119 -16.91 22.39 13.62
CA PHE A 119 -15.55 22.82 13.31
C PHE A 119 -15.59 24.16 12.59
N ASN A 120 -14.54 24.97 12.79
CA ASN A 120 -14.44 26.29 12.18
C ASN A 120 -13.00 26.50 11.70
N PRO A 121 -12.71 26.19 10.41
CA PRO A 121 -11.35 26.34 9.86
C PRO A 121 -10.83 27.78 9.88
N GLY A 122 -11.73 28.73 9.64
CA GLY A 122 -11.38 30.16 9.63
C GLY A 122 -10.82 30.67 10.95
N SER A 123 -11.43 30.27 12.06
CA SER A 123 -11.00 30.68 13.39
C SER A 123 -10.13 29.59 14.04
N ARG A 124 -9.86 28.53 13.26
CA ARG A 124 -9.08 27.35 13.66
C ARG A 124 -9.60 26.60 14.89
N ASP A 125 -10.92 26.59 15.05
CA ASP A 125 -11.56 25.90 16.18
C ASP A 125 -12.07 24.51 15.83
N PHE A 126 -11.55 23.50 16.53
CA PHE A 126 -11.96 22.10 16.35
C PHE A 126 -12.24 21.66 17.78
N PRO A 127 -13.42 22.04 18.36
CA PRO A 127 -13.78 21.70 19.74
C PRO A 127 -13.91 20.22 20.12
N ALA A 128 -14.09 19.37 19.11
CA ALA A 128 -14.23 17.93 19.32
C ALA A 128 -12.91 17.22 19.67
N VAL A 129 -11.78 17.90 19.53
CA VAL A 129 -10.47 17.32 19.87
C VAL A 129 -10.06 17.54 21.35
N PRO A 130 -9.92 18.81 21.86
CA PRO A 130 -10.06 20.17 21.32
C PRO A 130 -8.74 20.80 20.81
N TYR A 131 -8.86 21.54 19.71
CA TYR A 131 -7.74 22.27 19.09
C TYR A 131 -8.22 23.71 18.87
N SER A 132 -7.32 24.68 19.05
CA SER A 132 -7.63 26.09 18.83
C SER A 132 -6.54 26.67 17.92
N GLY A 133 -6.55 28.00 17.71
CA GLY A 133 -5.55 28.66 16.87
C GLY A 133 -4.11 28.55 17.35
N TRP A 134 -3.95 28.27 18.65
CA TRP A 134 -2.65 28.12 19.29
C TRP A 134 -1.99 26.78 18.95
N ASP A 135 -2.75 25.88 18.35
CA ASP A 135 -2.28 24.55 18.01
C ASP A 135 -1.85 24.37 16.56
N PHE A 136 -1.83 25.48 15.80
CA PHE A 136 -1.46 25.47 14.40
C PHE A 136 -0.20 26.27 14.10
N ASN A 137 0.40 26.02 12.94
CA ASN A 137 1.64 26.66 12.52
C ASN A 137 1.56 28.01 11.80
N ASP A 138 0.41 28.69 11.90
CA ASP A 138 0.18 29.99 11.24
C ASP A 138 1.24 31.05 11.50
N GLY A 139 1.77 31.07 12.73
CA GLY A 139 2.81 32.03 13.07
C GLY A 139 4.23 31.52 12.82
N LYS A 140 4.37 30.23 12.52
CA LYS A 140 5.67 29.61 12.28
C LYS A 140 6.09 29.64 10.80
N CYS A 141 5.09 29.58 9.91
CA CYS A 141 5.29 29.59 8.45
C CYS A 141 5.70 30.99 7.96
N LYS A 142 6.75 31.05 7.13
CA LYS A 142 7.26 32.33 6.63
C LYS A 142 6.96 32.63 5.17
N THR A 143 6.06 31.86 4.55
CA THR A 143 5.69 32.10 3.14
C THR A 143 4.57 33.14 3.12
N GLY A 144 4.49 33.89 2.02
CA GLY A 144 3.49 34.93 1.91
C GLY A 144 2.06 34.45 1.77
N SER A 145 1.88 33.23 1.27
CA SER A 145 0.56 32.65 1.09
C SER A 145 0.10 31.82 2.27
N GLY A 146 1.08 31.34 3.06
CA GLY A 146 0.80 30.50 4.20
C GLY A 146 0.88 29.03 3.79
N ASP A 147 0.94 28.79 2.48
CA ASP A 147 1.04 27.43 1.92
C ASP A 147 2.48 27.14 1.50
N ILE A 148 2.73 25.86 1.17
CA ILE A 148 4.05 25.42 0.70
C ILE A 148 4.16 25.93 -0.75
N GLU A 149 5.20 26.73 -1.00
CA GLU A 149 5.46 27.34 -2.30
C GLU A 149 6.70 26.84 -3.02
N ASN A 150 7.71 26.45 -2.24
CA ASN A 150 8.98 25.97 -2.77
C ASN A 150 9.47 24.75 -1.99
N TYR A 151 9.66 23.64 -2.71
CA TYR A 151 10.14 22.39 -2.11
C TYR A 151 11.64 22.30 -1.86
N ASN A 152 12.39 23.36 -2.22
CA ASN A 152 13.85 23.41 -2.02
C ASN A 152 14.22 23.98 -0.65
N ASP A 153 13.21 24.53 0.02
CA ASP A 153 13.34 25.10 1.36
C ASP A 153 12.71 24.03 2.26
N ALA A 154 13.56 23.26 2.95
CA ALA A 154 13.11 22.19 3.83
C ALA A 154 12.22 22.64 4.99
N THR A 155 12.40 23.88 5.45
CA THR A 155 11.63 24.44 6.57
C THR A 155 10.15 24.69 6.24
N GLN A 156 9.86 25.29 5.08
CA GLN A 156 8.48 25.57 4.70
C GLN A 156 7.66 24.32 4.35
N VAL A 157 8.34 23.28 3.86
CA VAL A 157 7.68 22.00 3.52
C VAL A 157 7.08 21.38 4.80
N ARG A 158 7.70 21.69 5.93
CA ARG A 158 7.27 21.20 7.23
C ARG A 158 6.35 22.12 8.02
N ASP A 159 6.64 23.43 8.00
CA ASP A 159 5.90 24.45 8.75
C ASP A 159 4.71 25.12 8.10
N CYS A 160 4.58 24.95 6.78
CA CYS A 160 3.49 25.55 6.05
C CYS A 160 2.42 24.54 5.60
N ARG A 161 1.30 25.07 5.11
CA ARG A 161 0.16 24.25 4.69
C ARG A 161 0.28 23.54 3.35
N LEU A 162 0.11 22.21 3.35
CA LEU A 162 0.15 21.42 2.11
C LEU A 162 -1.19 21.68 1.44
N THR A 163 -1.17 22.43 0.34
CA THR A 163 -2.35 22.84 -0.44
C THR A 163 -3.53 23.34 0.42
N GLY A 164 -3.23 24.26 1.32
CA GLY A 164 -4.24 24.85 2.21
C GLY A 164 -4.63 24.09 3.46
N LEU A 165 -4.15 22.87 3.63
CA LEU A 165 -4.45 22.04 4.80
C LEU A 165 -3.81 22.59 6.09
N LEU A 166 -4.64 23.01 7.04
CA LEU A 166 -4.21 23.57 8.33
C LEU A 166 -3.16 22.71 9.03
N ASP A 167 -1.93 23.23 9.07
CA ASP A 167 -0.77 22.54 9.64
C ASP A 167 -0.67 22.57 11.17
N LEU A 168 -0.70 21.37 11.76
CA LEU A 168 -0.61 21.22 13.20
C LEU A 168 0.79 21.49 13.73
N ALA A 169 0.86 22.23 14.85
CA ALA A 169 2.12 22.57 15.51
C ALA A 169 2.60 21.36 16.32
N LEU A 170 3.33 20.49 15.63
CA LEU A 170 3.83 19.25 16.23
C LEU A 170 5.00 19.37 17.21
N GLU A 171 5.51 20.57 17.43
CA GLU A 171 6.60 20.76 18.40
C GLU A 171 6.01 20.90 19.81
N LYS A 172 4.73 21.26 19.87
CA LYS A 172 3.99 21.45 21.13
C LYS A 172 3.64 20.09 21.72
N ASP A 173 3.90 19.92 23.03
CA ASP A 173 3.61 18.67 23.73
C ASP A 173 2.11 18.39 23.80
N TYR A 174 1.29 19.44 23.84
CA TYR A 174 -0.17 19.27 23.87
C TYR A 174 -0.65 18.57 22.59
N VAL A 175 -0.18 19.05 21.43
CA VAL A 175 -0.57 18.48 20.13
C VAL A 175 -0.05 17.04 19.97
N ARG A 176 1.16 16.79 20.48
CA ARG A 176 1.79 15.46 20.43
C ARG A 176 1.00 14.44 21.25
N SER A 177 0.51 14.90 22.41
CA SER A 177 -0.27 14.08 23.36
C SER A 177 -1.66 13.74 22.85
N LYS A 178 -2.26 14.67 22.11
CA LYS A 178 -3.60 14.50 21.53
C LYS A 178 -3.58 13.50 20.39
N ILE A 179 -2.46 13.48 19.66
CA ILE A 179 -2.26 12.55 18.54
C ILE A 179 -1.91 11.16 19.13
N ALA A 180 -1.11 11.16 20.20
CA ALA A 180 -0.71 9.93 20.87
C ALA A 180 -1.90 9.27 21.57
N GLU A 181 -2.84 10.09 22.07
CA GLU A 181 -4.06 9.60 22.74
C GLU A 181 -4.92 8.84 21.71
N TYR A 182 -4.99 9.41 20.51
CA TYR A 182 -5.72 8.81 19.38
C TYR A 182 -5.06 7.50 18.95
N MET A 183 -3.75 7.53 18.73
CA MET A 183 -3.01 6.34 18.30
C MET A 183 -2.97 5.22 19.34
N ASN A 184 -2.93 5.60 20.62
CA ASN A 184 -2.92 4.62 21.72
C ASN A 184 -4.27 3.95 21.90
N HIS A 185 -5.34 4.69 21.61
CA HIS A 185 -6.71 4.18 21.69
C HIS A 185 -6.82 3.04 20.67
N LEU A 186 -6.22 3.26 19.49
CA LEU A 186 -6.21 2.29 18.39
C LEU A 186 -5.31 1.09 18.66
N ILE A 187 -4.15 1.32 19.28
CA ILE A 187 -3.21 0.23 19.62
C ILE A 187 -3.86 -0.73 20.61
N ASP A 188 -4.53 -0.17 21.63
CA ASP A 188 -5.20 -0.94 22.68
C ASP A 188 -6.42 -1.71 22.18
N ILE A 189 -7.00 -1.23 21.08
CA ILE A 189 -8.15 -1.88 20.41
C ILE A 189 -7.59 -3.13 19.72
N GLY A 190 -6.33 -3.03 19.26
CA GLY A 190 -5.68 -4.15 18.63
C GLY A 190 -4.96 -3.92 17.31
N VAL A 191 -4.85 -2.67 16.84
CA VAL A 191 -4.14 -2.42 15.56
C VAL A 191 -2.63 -2.72 15.69
N ALA A 192 -2.05 -3.28 14.63
CA ALA A 192 -0.65 -3.66 14.62
C ALA A 192 0.34 -2.59 14.20
N GLY A 193 -0.16 -1.52 13.59
CA GLY A 193 0.72 -0.46 13.14
C GLY A 193 0.04 0.66 12.40
N PHE A 194 0.85 1.58 11.87
CA PHE A 194 0.34 2.77 11.17
C PHE A 194 1.08 3.20 9.92
N ARG A 195 0.32 3.86 9.05
CA ARG A 195 0.85 4.50 7.85
C ARG A 195 0.82 5.96 8.32
N LEU A 196 1.97 6.60 8.39
CA LEU A 196 2.00 8.00 8.79
C LEU A 196 1.94 8.85 7.54
N ASP A 197 0.76 9.40 7.30
CA ASP A 197 0.46 10.24 6.15
C ASP A 197 1.28 11.55 6.18
N ALA A 198 1.69 11.98 4.99
CA ALA A 198 2.45 13.23 4.77
C ALA A 198 3.63 13.43 5.73
N SER A 199 4.43 12.37 5.90
CA SER A 199 5.59 12.39 6.80
C SER A 199 6.69 13.35 6.37
N LYS A 200 6.74 13.63 5.06
CA LYS A 200 7.70 14.56 4.47
C LYS A 200 7.46 15.97 5.02
N HIS A 201 6.19 16.22 5.35
CA HIS A 201 5.72 17.49 5.87
C HIS A 201 5.77 17.64 7.38
N MET A 202 6.41 16.67 8.04
CA MET A 202 6.60 16.66 9.50
C MET A 202 8.08 16.49 9.77
N TRP A 203 8.58 17.10 10.84
CA TRP A 203 9.99 17.00 11.23
C TRP A 203 10.26 15.62 11.81
N PRO A 204 11.38 14.95 11.42
CA PRO A 204 11.71 13.61 11.94
C PRO A 204 11.74 13.54 13.47
N GLY A 205 12.18 14.63 14.09
CA GLY A 205 12.26 14.73 15.55
C GLY A 205 10.89 14.87 16.18
N ASP A 206 9.96 15.50 15.48
CA ASP A 206 8.59 15.67 15.97
C ASP A 206 7.84 14.34 15.94
N ILE A 207 8.09 13.55 14.89
CA ILE A 207 7.49 12.22 14.73
C ILE A 207 8.02 11.32 15.86
N LYS A 208 9.35 11.37 16.10
CA LYS A 208 10.01 10.58 17.15
C LYS A 208 9.43 10.86 18.53
N ALA A 209 9.06 12.13 18.78
CA ALA A 209 8.48 12.53 20.06
C ALA A 209 7.06 11.98 20.24
N ILE A 210 6.35 11.79 19.14
CA ILE A 210 4.99 11.23 19.17
C ILE A 210 5.11 9.70 19.39
N LEU A 211 6.07 9.07 18.71
CA LEU A 211 6.27 7.63 18.82
C LEU A 211 6.72 7.16 20.21
N ASP A 212 7.43 8.05 20.92
CA ASP A 212 7.93 7.79 22.28
C ASP A 212 6.77 7.66 23.27
N LYS A 213 5.62 8.21 22.90
CA LYS A 213 4.41 8.19 23.73
C LYS A 213 3.50 6.98 23.44
N LEU A 214 3.86 6.18 22.44
CA LEU A 214 3.07 5.00 22.06
C LEU A 214 3.26 3.75 22.91
N HIS A 215 2.18 3.01 23.07
CA HIS A 215 2.18 1.76 23.84
C HIS A 215 2.74 0.62 23.03
N ASN A 216 2.97 -0.50 23.71
CA ASN A 216 3.39 -1.73 23.06
C ASN A 216 2.06 -2.31 22.58
N LEU A 217 2.09 -3.28 21.69
CA LEU A 217 0.87 -3.86 21.15
C LEU A 217 0.06 -4.67 22.15
N ASN A 218 -1.25 -4.78 21.92
CA ASN A 218 -2.19 -5.49 22.80
C ASN A 218 -1.70 -6.91 23.09
N SER A 219 -1.37 -7.13 24.36
CA SER A 219 -0.84 -8.41 24.82
C SER A 219 -1.74 -9.64 24.80
N ASN A 220 -2.98 -9.47 24.31
CA ASN A 220 -3.95 -10.55 24.15
C ASN A 220 -3.71 -11.26 22.81
N TRP A 221 -3.03 -10.57 21.88
CA TRP A 221 -2.73 -11.14 20.56
C TRP A 221 -1.25 -11.11 20.20
N PHE A 222 -0.51 -10.19 20.80
CA PHE A 222 0.91 -10.01 20.51
C PHE A 222 1.80 -10.27 21.71
N PRO A 223 3.04 -10.78 21.50
CA PRO A 223 3.94 -11.04 22.64
C PRO A 223 4.38 -9.76 23.35
N ALA A 224 4.88 -9.90 24.58
CA ALA A 224 5.34 -8.78 25.39
C ALA A 224 6.51 -8.03 24.78
N GLY A 225 6.36 -6.71 24.66
CA GLY A 225 7.40 -5.87 24.10
C GLY A 225 7.30 -5.58 22.61
N SER A 226 6.20 -5.99 21.98
CA SER A 226 5.97 -5.78 20.55
C SER A 226 5.66 -4.31 20.29
N LYS A 227 6.48 -3.69 19.46
CA LYS A 227 6.30 -2.28 19.12
C LYS A 227 5.45 -2.14 17.85
N PRO A 228 4.62 -1.07 17.76
CA PRO A 228 3.80 -0.89 16.54
C PRO A 228 4.63 -0.68 15.27
N PHE A 229 4.15 -1.26 14.18
CA PHE A 229 4.80 -1.14 12.87
C PHE A 229 4.55 0.26 12.33
N ILE A 230 5.63 0.98 12.03
CA ILE A 230 5.51 2.33 11.52
C ILE A 230 6.11 2.41 10.12
N TYR A 231 5.28 2.84 9.16
CA TYR A 231 5.76 3.07 7.80
C TYR A 231 5.36 4.49 7.43
N GLN A 232 6.39 5.31 7.27
CA GLN A 232 6.23 6.71 6.96
C GLN A 232 6.11 7.01 5.47
N GLU A 233 5.10 7.78 5.09
CA GLU A 233 4.92 8.15 3.70
C GLU A 233 5.77 9.38 3.40
N VAL A 234 6.93 9.13 2.80
CA VAL A 234 7.85 10.19 2.41
C VAL A 234 8.03 9.97 0.91
N ILE A 235 7.61 10.97 0.13
CA ILE A 235 7.74 10.93 -1.32
C ILE A 235 9.11 11.56 -1.67
N ASP A 236 10.08 10.70 -1.95
CA ASP A 236 11.44 11.11 -2.27
C ASP A 236 11.88 10.45 -3.57
N LEU A 237 11.94 11.26 -4.62
CA LEU A 237 12.37 10.81 -5.94
C LEU A 237 13.80 11.31 -6.20
N GLY A 238 14.44 11.83 -5.15
CA GLY A 238 15.79 12.36 -5.23
C GLY A 238 15.80 13.81 -5.66
N GLY A 239 16.93 14.50 -5.43
CA GLY A 239 17.06 15.90 -5.82
C GLY A 239 16.37 16.96 -4.97
N GLU A 240 16.07 16.61 -3.73
CA GLU A 240 15.43 17.51 -2.76
C GLU A 240 16.25 17.51 -1.47
N PRO A 241 16.19 18.61 -0.66
CA PRO A 241 16.96 18.65 0.59
C PRO A 241 16.49 17.61 1.61
N ILE A 242 15.23 17.22 1.52
CA ILE A 242 14.60 16.21 2.39
C ILE A 242 14.82 14.85 1.76
N LYS A 243 15.42 13.95 2.54
CA LYS A 243 15.70 12.58 2.11
C LYS A 243 14.88 11.63 2.97
N SER A 244 14.48 10.50 2.41
CA SER A 244 13.71 9.50 3.15
C SER A 244 14.56 8.84 4.25
N SER A 245 15.88 8.99 4.14
CA SER A 245 16.83 8.44 5.13
C SER A 245 16.83 9.20 6.45
N ASP A 246 16.29 10.43 6.42
CA ASP A 246 16.17 11.29 7.61
C ASP A 246 15.12 10.74 8.58
N TYR A 247 14.30 9.83 8.07
CA TYR A 247 13.20 9.21 8.81
C TYR A 247 13.41 7.77 9.29
N PHE A 248 14.60 7.21 9.04
CA PHE A 248 14.94 5.82 9.43
C PHE A 248 14.90 5.48 10.91
N GLY A 249 15.12 6.48 11.77
CA GLY A 249 15.11 6.27 13.20
C GLY A 249 13.72 6.14 13.79
N ASN A 250 12.70 6.36 12.96
CA ASN A 250 11.30 6.31 13.39
C ASN A 250 10.57 5.06 12.89
N GLY A 251 10.98 4.55 11.75
CA GLY A 251 10.34 3.36 11.20
C GLY A 251 10.71 3.19 9.74
N ARG A 252 9.91 2.40 9.04
CA ARG A 252 10.11 2.15 7.62
C ARG A 252 9.61 3.34 6.81
N VAL A 253 9.99 3.41 5.54
CA VAL A 253 9.57 4.49 4.64
C VAL A 253 9.02 3.89 3.35
N THR A 254 8.03 4.56 2.77
CA THR A 254 7.43 4.17 1.50
C THR A 254 8.43 4.50 0.40
N GLU A 255 8.78 3.51 -0.40
CA GLU A 255 9.73 3.73 -1.48
C GLU A 255 9.00 3.95 -2.81
N PHE A 256 8.82 5.23 -3.14
CA PHE A 256 8.15 5.66 -4.37
C PHE A 256 8.96 5.50 -5.65
N LYS A 257 10.28 5.40 -5.55
CA LYS A 257 11.13 5.23 -6.74
C LYS A 257 10.97 3.79 -7.28
N TYR A 258 10.48 2.90 -6.42
CA TYR A 258 10.24 1.50 -6.74
C TYR A 258 9.17 1.36 -7.82
N GLY A 259 7.97 1.85 -7.53
CA GLY A 259 6.86 1.78 -8.48
C GLY A 259 7.08 2.59 -9.74
N ALA A 260 7.80 3.71 -9.60
CA ALA A 260 8.12 4.60 -10.72
C ALA A 260 9.05 3.93 -11.72
N LYS A 261 10.15 3.34 -11.23
CA LYS A 261 11.11 2.66 -12.09
C LYS A 261 10.66 1.31 -12.68
N LEU A 262 9.81 0.59 -11.94
CA LEU A 262 9.27 -0.70 -12.40
C LEU A 262 8.30 -0.42 -13.54
N GLY A 263 7.63 0.73 -13.44
CA GLY A 263 6.71 1.18 -14.46
C GLY A 263 7.42 1.53 -15.75
N THR A 264 8.55 2.26 -15.67
CA THR A 264 9.32 2.64 -16.86
C THR A 264 9.97 1.41 -17.52
N VAL A 265 10.44 0.47 -16.70
CA VAL A 265 11.08 -0.77 -17.17
C VAL A 265 10.12 -1.70 -17.92
N ILE A 266 8.96 -1.98 -17.33
CA ILE A 266 7.97 -2.88 -17.94
C ILE A 266 7.26 -2.29 -19.17
N ARG A 267 7.13 -0.97 -19.19
CA ARG A 267 6.52 -0.29 -20.33
C ARG A 267 7.59 -0.08 -21.42
N LYS A 268 8.85 -0.38 -21.06
CA LYS A 268 10.03 -0.28 -21.92
C LYS A 268 10.37 1.15 -22.39
N TRP A 269 10.12 2.11 -21.49
CA TRP A 269 10.37 3.53 -21.74
C TRP A 269 11.85 3.88 -21.74
N ASN A 270 12.23 4.78 -22.63
CA ASN A 270 13.63 5.26 -22.81
C ASN A 270 14.66 4.15 -23.06
N GLY A 271 14.21 3.06 -23.70
CA GLY A 271 15.08 1.95 -24.01
C GLY A 271 15.38 0.99 -22.87
N GLU A 272 14.72 1.21 -21.72
CA GLU A 272 14.89 0.35 -20.54
C GLU A 272 14.34 -1.05 -20.79
N LYS A 273 15.04 -2.03 -20.21
CA LYS A 273 14.67 -3.43 -20.36
C LYS A 273 14.71 -4.20 -19.05
N MET A 274 14.03 -5.35 -19.01
CA MET A 274 13.97 -6.22 -17.83
C MET A 274 15.30 -6.84 -17.40
N SER A 275 16.30 -6.87 -18.30
CA SER A 275 17.63 -7.41 -18.01
C SER A 275 18.40 -6.53 -17.01
N TYR A 276 17.95 -5.28 -16.87
CA TYR A 276 18.55 -4.31 -15.96
C TYR A 276 18.10 -4.56 -14.51
N LEU A 277 17.09 -5.41 -14.34
CA LEU A 277 16.54 -5.75 -13.02
C LEU A 277 17.40 -6.75 -12.23
N LYS A 278 18.57 -7.07 -12.77
CA LYS A 278 19.54 -7.99 -12.17
C LYS A 278 20.00 -7.52 -10.79
N ASN A 279 20.26 -6.22 -10.66
CA ASN A 279 20.70 -5.63 -9.41
C ASN A 279 19.60 -4.78 -8.74
N TRP A 280 18.34 -5.20 -8.92
CA TRP A 280 17.17 -4.50 -8.37
C TRP A 280 17.21 -4.40 -6.84
N GLY A 281 16.95 -3.19 -6.34
CA GLY A 281 16.96 -2.95 -4.91
C GLY A 281 17.85 -1.78 -4.57
N GLU A 282 18.79 -1.99 -3.66
CA GLU A 282 19.73 -0.97 -3.21
C GLU A 282 20.65 -0.45 -4.31
N GLY A 283 20.96 -1.32 -5.28
CA GLY A 283 21.82 -0.98 -6.41
C GLY A 283 21.29 0.10 -7.33
N TRP A 284 19.99 0.36 -7.23
CA TRP A 284 19.29 1.38 -8.01
C TRP A 284 19.10 2.69 -7.25
N GLY A 285 19.71 2.79 -6.07
CA GLY A 285 19.59 4.00 -5.26
C GLY A 285 18.36 4.03 -4.36
N PHE A 286 17.78 2.85 -4.12
CA PHE A 286 16.60 2.74 -3.25
C PHE A 286 17.05 2.62 -1.81
N VAL A 287 16.13 2.84 -0.87
CA VAL A 287 16.42 2.72 0.57
C VAL A 287 16.75 1.25 0.94
N PRO A 288 17.46 0.99 2.07
CA PRO A 288 17.74 -0.43 2.39
C PRO A 288 16.47 -1.26 2.58
N SER A 289 16.52 -2.52 2.15
CA SER A 289 15.39 -3.45 2.22
C SER A 289 14.61 -3.48 3.53
N ASP A 290 15.32 -3.49 4.66
CA ASP A 290 14.67 -3.52 5.98
C ASP A 290 13.99 -2.21 6.41
N ARG A 291 14.07 -1.19 5.55
CA ARG A 291 13.43 0.12 5.79
C ARG A 291 12.44 0.46 4.68
N ALA A 292 12.23 -0.48 3.75
CA ALA A 292 11.33 -0.25 2.62
C ALA A 292 9.98 -0.91 2.65
N LEU A 293 8.97 -0.10 2.31
CA LEU A 293 7.60 -0.56 2.17
C LEU A 293 7.41 -0.34 0.67
N VAL A 294 7.29 -1.44 -0.08
CA VAL A 294 7.15 -1.39 -1.54
C VAL A 294 5.76 -1.71 -2.07
N PHE A 295 5.45 -1.11 -3.22
CA PHE A 295 4.15 -1.21 -3.91
C PHE A 295 4.34 -0.76 -5.36
N VAL A 296 3.44 -1.19 -6.25
CA VAL A 296 3.49 -0.81 -7.68
C VAL A 296 2.75 0.53 -7.83
N ASP A 297 1.56 0.61 -7.23
CA ASP A 297 0.77 1.82 -7.22
C ASP A 297 0.14 1.97 -5.84
N ASN A 298 -0.29 3.19 -5.51
CA ASN A 298 -0.97 3.44 -4.24
C ASN A 298 -2.25 4.20 -4.56
N HIS A 299 -3.03 4.55 -3.55
CA HIS A 299 -4.29 5.28 -3.74
C HIS A 299 -4.15 6.62 -4.48
N ASP A 300 -2.99 7.26 -4.32
CA ASP A 300 -2.67 8.53 -4.94
C ASP A 300 -2.25 8.46 -6.41
N ASN A 301 -1.10 7.84 -6.68
CA ASN A 301 -0.58 7.75 -8.03
C ASN A 301 -1.33 6.89 -9.05
N GLN A 302 -2.31 6.12 -8.60
CA GLN A 302 -3.11 5.32 -9.54
C GLN A 302 -4.11 6.20 -10.30
N ARG A 303 -4.30 7.41 -9.79
CA ARG A 303 -5.19 8.42 -10.37
C ARG A 303 -4.46 9.76 -10.57
N GLY A 304 -3.12 9.69 -10.57
CA GLY A 304 -2.29 10.87 -10.75
C GLY A 304 -2.22 11.93 -9.66
N HIS A 305 -2.39 11.54 -8.39
CA HIS A 305 -2.36 12.49 -7.26
C HIS A 305 -1.09 12.60 -6.40
N GLY A 306 -0.14 11.70 -6.59
CA GLY A 306 1.06 11.79 -5.77
C GLY A 306 2.28 12.19 -6.57
N ALA A 307 3.05 11.18 -6.97
CA ALA A 307 4.25 11.31 -7.77
C ALA A 307 4.60 9.95 -8.40
N GLY A 308 5.18 10.01 -9.60
CA GLY A 308 5.56 8.82 -10.35
C GLY A 308 5.21 9.08 -11.80
N GLY A 309 4.21 9.94 -11.97
CA GLY A 309 3.75 10.32 -13.29
C GLY A 309 2.96 9.30 -14.06
N ALA A 310 3.12 9.36 -15.37
CA ALA A 310 2.42 8.49 -16.30
C ALA A 310 2.98 7.07 -16.41
N SER A 311 4.10 6.81 -15.73
CA SER A 311 4.76 5.49 -15.76
C SER A 311 4.08 4.42 -14.89
N ILE A 312 3.37 4.88 -13.87
CA ILE A 312 2.65 4.04 -12.90
C ILE A 312 1.68 3.05 -13.52
N LEU A 313 1.85 1.78 -13.15
CA LEU A 313 1.02 0.67 -13.61
C LEU A 313 -0.13 0.47 -12.62
N THR A 314 -1.34 0.36 -13.16
CA THR A 314 -2.57 0.20 -12.37
C THR A 314 -3.40 -0.95 -12.97
N PHE A 315 -4.52 -1.28 -12.34
CA PHE A 315 -5.44 -2.34 -12.81
C PHE A 315 -5.96 -2.10 -14.23
N TRP A 316 -5.93 -0.85 -14.67
CA TRP A 316 -6.38 -0.45 -16.01
C TRP A 316 -5.42 -1.05 -17.06
N ASP A 317 -4.16 -1.21 -16.67
CA ASP A 317 -3.10 -1.78 -17.51
C ASP A 317 -2.90 -3.24 -17.07
N ALA A 318 -4.03 -3.93 -16.89
CA ALA A 318 -4.12 -5.32 -16.42
C ALA A 318 -2.98 -6.30 -16.70
N ARG A 319 -2.67 -6.50 -17.98
CA ARG A 319 -1.63 -7.44 -18.41
C ARG A 319 -0.22 -7.07 -17.89
N LEU A 320 0.15 -5.80 -18.01
CA LEU A 320 1.46 -5.33 -17.55
C LEU A 320 1.54 -5.21 -16.02
N TYR A 321 0.38 -4.94 -15.40
CA TYR A 321 0.25 -4.79 -13.96
C TYR A 321 0.49 -6.10 -13.22
N LYS A 322 -0.05 -7.20 -13.74
CA LYS A 322 0.11 -8.53 -13.12
C LYS A 322 1.58 -8.97 -13.14
N MET A 323 2.32 -8.57 -14.18
CA MET A 323 3.76 -8.86 -14.31
C MET A 323 4.57 -8.07 -13.29
N ALA A 324 4.17 -6.82 -13.08
CA ALA A 324 4.81 -5.90 -12.14
C ALA A 324 4.61 -6.36 -10.71
N VAL A 325 3.36 -6.71 -10.38
CA VAL A 325 2.98 -7.21 -9.05
C VAL A 325 3.63 -8.59 -8.85
N GLY A 326 3.72 -9.36 -9.93
CA GLY A 326 4.35 -10.67 -9.89
C GLY A 326 5.84 -10.58 -9.58
N PHE A 327 6.52 -9.62 -10.22
CA PHE A 327 7.95 -9.39 -10.01
C PHE A 327 8.20 -8.92 -8.58
N MET A 328 7.37 -7.98 -8.12
CA MET A 328 7.46 -7.42 -6.77
C MET A 328 7.34 -8.50 -5.70
N LEU A 329 6.34 -9.36 -5.85
CA LEU A 329 6.08 -10.43 -4.90
C LEU A 329 7.10 -11.58 -4.89
N ALA A 330 7.83 -11.72 -6.00
CA ALA A 330 8.87 -12.75 -6.14
C ALA A 330 10.25 -12.25 -5.67
N HIS A 331 10.53 -10.96 -5.87
CA HIS A 331 11.81 -10.36 -5.50
C HIS A 331 11.92 -10.13 -4.00
N PRO A 332 13.08 -10.48 -3.38
CA PRO A 332 13.31 -10.31 -1.93
C PRO A 332 13.32 -8.91 -1.31
N TYR A 333 13.50 -7.89 -2.14
CA TYR A 333 13.55 -6.50 -1.65
C TYR A 333 12.25 -5.98 -1.00
N GLY A 334 12.42 -5.43 0.20
CA GLY A 334 11.34 -4.81 0.98
C GLY A 334 10.12 -5.58 1.42
N PHE A 335 9.22 -4.85 2.07
CA PHE A 335 7.95 -5.41 2.54
C PHE A 335 6.90 -4.95 1.54
N THR A 336 6.14 -5.93 1.05
CA THR A 336 5.14 -5.71 0.02
C THR A 336 3.71 -5.34 0.40
N ARG A 337 3.18 -4.36 -0.34
CA ARG A 337 1.81 -3.89 -0.17
C ARG A 337 1.10 -4.00 -1.51
N VAL A 338 0.00 -4.74 -1.50
CA VAL A 338 -0.85 -4.99 -2.66
C VAL A 338 -2.00 -3.97 -2.61
N MET A 339 -2.32 -3.41 -3.78
CA MET A 339 -3.40 -2.43 -3.91
C MET A 339 -4.71 -3.13 -4.28
N SER A 340 -5.81 -2.67 -3.69
CA SER A 340 -7.15 -3.18 -3.99
C SER A 340 -7.97 -1.91 -4.18
N SER A 341 -8.45 -1.72 -5.41
CA SER A 341 -9.16 -0.51 -5.80
C SER A 341 -10.60 -0.66 -6.22
N TYR A 342 -11.18 0.47 -6.65
CA TYR A 342 -12.53 0.53 -7.18
C TYR A 342 -12.44 1.16 -8.58
N ARG A 343 -13.43 0.84 -9.42
CA ARG A 343 -13.51 1.37 -10.77
C ARG A 343 -14.23 2.71 -10.77
N TRP A 344 -13.64 3.70 -11.44
CA TRP A 344 -14.22 5.03 -11.55
C TRP A 344 -14.23 5.40 -13.04
N PRO A 345 -15.16 6.29 -13.49
CA PRO A 345 -15.18 6.65 -14.91
C PRO A 345 -14.05 7.59 -15.37
N ARG A 346 -12.87 7.03 -15.66
CA ARG A 346 -11.71 7.79 -16.13
C ARG A 346 -12.05 8.54 -17.41
N GLN A 347 -11.71 9.82 -17.44
CA GLN A 347 -12.00 10.66 -18.59
C GLN A 347 -10.83 11.60 -18.88
N PHE A 348 -9.99 11.19 -19.84
CA PHE A 348 -8.82 11.95 -20.24
C PHE A 348 -9.09 13.10 -21.20
N GLN A 349 -8.91 14.32 -20.70
CA GLN A 349 -9.08 15.54 -21.49
C GLN A 349 -7.75 16.29 -21.37
N ASN A 350 -7.05 16.41 -22.50
CA ASN A 350 -5.72 17.04 -22.61
C ASN A 350 -4.66 16.28 -21.80
N GLY A 351 -4.75 14.95 -21.85
CA GLY A 351 -3.83 14.07 -21.15
C GLY A 351 -4.07 13.82 -19.67
N ASN A 352 -5.02 14.53 -19.07
CA ASN A 352 -5.33 14.37 -17.64
C ASN A 352 -6.77 13.99 -17.29
N ASP A 353 -6.90 13.19 -16.23
CA ASP A 353 -8.20 12.69 -15.75
C ASP A 353 -9.00 13.70 -14.93
N VAL A 354 -10.12 14.15 -15.50
CA VAL A 354 -11.01 15.13 -14.85
C VAL A 354 -11.94 14.49 -13.81
N ASN A 355 -11.93 13.17 -13.75
CA ASN A 355 -12.73 12.41 -12.79
C ASN A 355 -11.88 11.76 -11.71
N ASP A 356 -10.68 12.30 -11.47
CA ASP A 356 -9.77 11.75 -10.46
C ASP A 356 -10.22 11.94 -9.00
N TRP A 357 -11.27 12.75 -8.83
CA TRP A 357 -11.87 13.03 -7.52
C TRP A 357 -12.86 11.96 -7.08
N VAL A 358 -13.47 11.28 -8.05
CA VAL A 358 -14.50 10.25 -7.81
C VAL A 358 -14.29 9.31 -6.63
N GLY A 359 -15.22 9.38 -5.69
CA GLY A 359 -15.20 8.59 -4.49
C GLY A 359 -15.62 7.14 -4.73
N PRO A 360 -15.61 6.30 -3.67
CA PRO A 360 -16.00 4.87 -3.72
C PRO A 360 -17.42 4.66 -4.23
N PRO A 361 -17.72 3.45 -4.79
CA PRO A 361 -19.06 3.12 -5.30
C PRO A 361 -20.05 3.36 -4.18
N ASN A 362 -21.04 4.19 -4.46
CA ASN A 362 -22.04 4.60 -3.48
C ASN A 362 -23.47 4.70 -3.97
N ASN A 363 -24.37 4.80 -3.00
CA ASN A 363 -25.81 4.97 -3.23
C ASN A 363 -26.17 6.19 -2.38
N ASN A 364 -26.30 7.35 -3.05
CA ASN A 364 -26.62 8.65 -2.42
C ASN A 364 -25.65 9.02 -1.29
N GLY A 365 -24.39 8.62 -1.44
CA GLY A 365 -23.36 8.91 -0.45
C GLY A 365 -22.94 7.74 0.42
N VAL A 366 -23.80 6.75 0.57
CA VAL A 366 -23.52 5.55 1.38
C VAL A 366 -22.72 4.52 0.55
N ILE A 367 -21.49 4.23 1.00
CA ILE A 367 -20.59 3.28 0.33
C ILE A 367 -21.25 1.91 0.18
N LYS A 368 -21.16 1.36 -1.03
CA LYS A 368 -21.72 0.06 -1.38
C LYS A 368 -20.94 -1.10 -0.77
N GLU A 369 -21.67 -2.17 -0.50
CA GLU A 369 -21.11 -3.39 0.07
C GLU A 369 -20.34 -4.16 -0.99
N VAL A 370 -19.34 -4.92 -0.55
CA VAL A 370 -18.54 -5.71 -1.47
C VAL A 370 -19.24 -7.05 -1.65
N THR A 371 -19.92 -7.18 -2.80
CA THR A 371 -20.64 -8.40 -3.16
C THR A 371 -19.67 -9.36 -3.87
N ILE A 372 -19.81 -10.66 -3.61
CA ILE A 372 -18.93 -11.66 -4.22
C ILE A 372 -19.62 -12.43 -5.34
N ASN A 373 -18.97 -12.44 -6.52
CA ASN A 373 -19.46 -13.12 -7.72
C ASN A 373 -19.05 -14.62 -7.63
N PRO A 374 -19.79 -15.53 -8.31
CA PRO A 374 -19.47 -16.97 -8.28
C PRO A 374 -18.04 -17.43 -8.66
N ASP A 375 -17.31 -16.59 -9.40
CA ASP A 375 -15.92 -16.89 -9.82
C ASP A 375 -14.85 -16.26 -8.91
N THR A 376 -15.27 -15.88 -7.70
CA THR A 376 -14.51 -15.23 -6.61
C THR A 376 -14.12 -13.76 -6.82
N THR A 377 -14.58 -13.16 -7.94
CA THR A 377 -14.31 -11.75 -8.22
C THR A 377 -15.34 -10.89 -7.49
N CYS A 378 -15.16 -9.57 -7.53
CA CYS A 378 -16.09 -8.65 -6.85
C CYS A 378 -17.00 -7.89 -7.78
N GLY A 379 -18.20 -7.59 -7.27
CA GLY A 379 -19.19 -6.82 -7.99
C GLY A 379 -19.21 -5.43 -7.39
N ASN A 380 -20.26 -4.66 -7.71
CA ASN A 380 -20.45 -3.28 -7.22
C ASN A 380 -19.29 -2.33 -7.50
N ASP A 381 -18.61 -2.58 -8.62
CA ASP A 381 -17.45 -1.81 -9.12
C ASP A 381 -16.15 -1.87 -8.31
N TRP A 382 -16.04 -2.84 -7.40
CA TRP A 382 -14.82 -3.05 -6.62
C TRP A 382 -13.97 -3.96 -7.48
N VAL A 383 -12.78 -3.50 -7.83
CA VAL A 383 -11.86 -4.26 -8.69
C VAL A 383 -11.32 -5.53 -8.04
N CYS A 384 -11.00 -5.43 -6.75
CA CYS A 384 -10.47 -6.54 -5.96
C CYS A 384 -9.26 -7.25 -6.57
N GLU A 385 -8.17 -6.50 -6.80
CA GLU A 385 -6.92 -7.03 -7.39
C GLU A 385 -6.33 -8.18 -6.59
N HIS A 386 -6.52 -8.13 -5.27
CA HIS A 386 -6.03 -9.17 -4.36
C HIS A 386 -6.74 -10.52 -4.59
N ARG A 387 -7.89 -10.48 -5.26
CA ARG A 387 -8.66 -11.69 -5.56
C ARG A 387 -8.37 -12.30 -6.94
N TRP A 388 -7.60 -11.58 -7.77
CA TRP A 388 -7.20 -12.07 -9.10
C TRP A 388 -6.24 -13.22 -8.87
N ARG A 389 -6.44 -14.33 -9.58
CA ARG A 389 -5.60 -15.54 -9.43
C ARG A 389 -4.10 -15.28 -9.47
N GLN A 390 -3.69 -14.51 -10.46
CA GLN A 390 -2.29 -14.17 -10.69
C GLN A 390 -1.64 -13.39 -9.55
N ILE A 391 -2.41 -12.53 -8.91
CA ILE A 391 -1.92 -11.74 -7.78
C ILE A 391 -2.02 -12.55 -6.48
N ARG A 392 -3.18 -13.18 -6.25
CA ARG A 392 -3.43 -14.00 -5.07
C ARG A 392 -2.41 -15.15 -4.96
N ASN A 393 -2.11 -15.79 -6.08
CA ASN A 393 -1.14 -16.88 -6.09
C ASN A 393 0.30 -16.43 -5.90
N MET A 394 0.56 -15.17 -6.22
CA MET A 394 1.89 -14.58 -6.05
C MET A 394 2.11 -14.10 -4.60
N VAL A 395 1.02 -13.90 -3.87
CA VAL A 395 1.05 -13.52 -2.46
C VAL A 395 1.46 -14.79 -1.69
N ILE A 396 0.92 -15.93 -2.13
CA ILE A 396 1.22 -17.23 -1.53
C ILE A 396 2.66 -17.63 -1.87
N PHE A 397 3.11 -17.32 -3.09
CA PHE A 397 4.49 -17.59 -3.55
C PHE A 397 5.48 -16.91 -2.59
N ARG A 398 5.23 -15.64 -2.24
CA ARG A 398 6.11 -14.89 -1.35
C ARG A 398 6.20 -15.52 0.03
N ASN A 399 5.07 -16.06 0.51
CA ASN A 399 4.97 -16.74 1.80
C ASN A 399 5.82 -18.03 1.84
N VAL A 400 5.73 -18.80 0.76
CA VAL A 400 6.44 -20.08 0.58
C VAL A 400 7.95 -19.91 0.44
N VAL A 401 8.37 -18.80 -0.16
CA VAL A 401 9.79 -18.52 -0.39
C VAL A 401 10.47 -17.55 0.60
N ASP A 402 9.77 -17.19 1.66
CA ASP A 402 10.28 -16.27 2.68
C ASP A 402 11.62 -16.73 3.30
N GLY A 403 12.61 -15.85 3.21
CA GLY A 403 13.93 -16.14 3.74
C GLY A 403 14.94 -16.68 2.74
N GLN A 404 14.45 -17.16 1.59
CA GLN A 404 15.30 -17.72 0.53
C GLN A 404 16.06 -16.66 -0.25
N PRO A 405 17.34 -16.94 -0.59
CA PRO A 405 18.13 -15.96 -1.34
C PRO A 405 17.75 -15.78 -2.81
N PHE A 406 18.30 -14.74 -3.43
CA PHE A 406 18.10 -14.42 -4.83
C PHE A 406 19.18 -15.22 -5.58
N THR A 407 18.75 -16.24 -6.33
CA THR A 407 19.67 -17.12 -7.07
C THR A 407 19.20 -17.44 -8.48
N ASN A 408 20.08 -18.11 -9.23
CA ASN A 408 19.85 -18.59 -10.60
C ASN A 408 19.26 -17.59 -11.61
N TRP A 409 19.86 -16.41 -11.69
CA TRP A 409 19.41 -15.37 -12.63
C TRP A 409 19.77 -15.72 -14.07
N TYR A 410 18.86 -15.39 -14.97
CA TYR A 410 19.03 -15.56 -16.40
C TYR A 410 18.36 -14.35 -17.07
N ASP A 411 18.95 -13.93 -18.19
CA ASP A 411 18.43 -12.86 -19.04
C ASP A 411 19.00 -13.04 -20.45
N ASN A 412 18.26 -12.60 -21.47
CA ASN A 412 18.70 -12.73 -22.87
C ASN A 412 19.30 -11.42 -23.39
N GLY A 413 19.54 -10.48 -22.48
CA GLY A 413 20.09 -9.20 -22.85
C GLY A 413 19.00 -8.21 -23.23
N SER A 414 17.76 -8.69 -23.24
CA SER A 414 16.61 -7.87 -23.59
C SER A 414 15.52 -7.90 -22.50
N ASN A 415 14.37 -8.52 -22.76
CA ASN A 415 13.28 -8.54 -21.78
C ASN A 415 12.76 -9.92 -21.35
N GLN A 416 13.58 -10.96 -21.56
CA GLN A 416 13.19 -12.31 -21.16
C GLN A 416 14.09 -12.68 -20.00
N VAL A 417 13.53 -12.55 -18.80
CA VAL A 417 14.28 -12.83 -17.58
C VAL A 417 13.73 -13.97 -16.72
N ALA A 418 14.56 -14.42 -15.78
CA ALA A 418 14.19 -15.50 -14.87
C ALA A 418 15.12 -15.56 -13.68
N PHE A 419 14.55 -15.92 -12.52
CA PHE A 419 15.31 -16.08 -11.28
C PHE A 419 14.62 -17.03 -10.32
N GLY A 420 15.40 -17.52 -9.38
CA GLY A 420 14.90 -18.41 -8.36
C GLY A 420 15.06 -17.85 -6.96
N ARG A 421 14.27 -18.41 -6.06
CA ARG A 421 14.31 -18.04 -4.67
C ARG A 421 14.71 -19.33 -3.95
N GLY A 422 16.03 -19.54 -3.89
CA GLY A 422 16.60 -20.72 -3.25
C GLY A 422 16.18 -22.02 -3.92
N ASN A 423 15.63 -22.92 -3.12
CA ASN A 423 15.16 -24.22 -3.57
C ASN A 423 13.64 -24.32 -3.41
N ARG A 424 13.01 -23.17 -3.14
CA ARG A 424 11.57 -23.10 -2.91
C ARG A 424 10.74 -22.46 -4.02
N GLY A 425 11.37 -21.73 -4.94
CA GLY A 425 10.61 -21.10 -6.01
C GLY A 425 11.38 -20.60 -7.22
N PHE A 426 10.68 -20.51 -8.35
CA PHE A 426 11.25 -20.04 -9.61
C PHE A 426 10.20 -19.29 -10.42
N ILE A 427 10.65 -18.23 -11.09
CA ILE A 427 9.77 -17.40 -11.92
C ILE A 427 10.46 -16.96 -13.22
N VAL A 428 9.70 -16.97 -14.32
CA VAL A 428 10.21 -16.60 -15.65
C VAL A 428 9.29 -15.56 -16.26
N PHE A 429 9.88 -14.57 -16.93
CA PHE A 429 9.14 -13.49 -17.59
C PHE A 429 9.53 -13.36 -19.06
N ASN A 430 8.58 -12.97 -19.89
CA ASN A 430 8.82 -12.72 -21.31
C ASN A 430 8.09 -11.42 -21.65
N ASN A 431 8.84 -10.33 -21.72
CA ASN A 431 8.27 -9.03 -22.08
C ASN A 431 8.81 -8.57 -23.44
N ASP A 432 9.31 -9.53 -24.21
CA ASP A 432 9.82 -9.27 -25.56
C ASP A 432 8.71 -9.55 -26.57
N ASP A 433 8.87 -9.05 -27.79
CA ASP A 433 7.89 -9.25 -28.87
C ASP A 433 8.09 -10.53 -29.69
N TRP A 434 8.71 -11.52 -29.07
CA TRP A 434 8.93 -12.84 -29.66
C TRP A 434 8.78 -13.88 -28.56
N SER A 435 8.69 -15.15 -28.96
CA SER A 435 8.52 -16.25 -28.02
C SER A 435 9.78 -16.67 -27.25
N PHE A 436 9.54 -17.27 -26.09
CA PHE A 436 10.59 -17.78 -25.23
C PHE A 436 10.38 -19.28 -25.16
N SER A 437 11.45 -20.03 -25.42
CA SER A 437 11.45 -21.48 -25.39
C SER A 437 12.90 -21.90 -25.09
N LEU A 438 13.19 -22.15 -23.81
CA LEU A 438 14.55 -22.53 -23.39
C LEU A 438 14.53 -23.34 -22.09
N THR A 439 15.58 -24.13 -21.89
CA THR A 439 15.76 -24.93 -20.68
C THR A 439 16.69 -24.17 -19.72
N LEU A 440 16.18 -23.88 -18.53
CA LEU A 440 16.93 -23.13 -17.50
C LEU A 440 17.18 -23.93 -16.24
N GLN A 441 18.19 -23.50 -15.48
CA GLN A 441 18.56 -24.10 -14.20
C GLN A 441 17.68 -23.43 -13.13
N THR A 442 17.04 -24.26 -12.29
CA THR A 442 16.13 -23.76 -11.26
C THR A 442 16.58 -23.74 -9.80
N GLY A 443 17.23 -24.81 -9.35
CA GLY A 443 17.64 -24.90 -7.95
C GLY A 443 16.58 -25.65 -7.15
N LEU A 444 15.48 -25.98 -7.81
CA LEU A 444 14.34 -26.71 -7.23
C LEU A 444 14.49 -28.23 -7.40
N PRO A 445 13.94 -29.05 -6.46
CA PRO A 445 14.05 -30.51 -6.59
C PRO A 445 13.19 -31.05 -7.74
N ALA A 446 13.49 -32.26 -8.20
CA ALA A 446 12.79 -32.93 -9.29
C ALA A 446 11.29 -33.14 -9.06
N GLY A 447 10.51 -33.08 -10.15
CA GLY A 447 9.08 -33.28 -10.05
C GLY A 447 8.25 -32.47 -11.03
N THR A 448 6.93 -32.61 -10.90
CA THR A 448 5.97 -31.89 -11.73
C THR A 448 5.38 -30.77 -10.88
N TYR A 449 5.44 -29.56 -11.43
CA TYR A 449 4.97 -28.35 -10.76
C TYR A 449 3.87 -27.63 -11.54
N CYS A 450 2.88 -27.13 -10.81
CA CYS A 450 1.80 -26.37 -11.44
C CYS A 450 2.21 -24.92 -11.54
N ASP A 451 1.89 -24.29 -12.68
CA ASP A 451 2.16 -22.88 -12.89
C ASP A 451 1.02 -22.18 -12.14
N VAL A 452 1.38 -21.34 -11.17
CA VAL A 452 0.39 -20.63 -10.37
C VAL A 452 -0.20 -19.37 -11.01
N ILE A 453 0.29 -19.05 -12.22
CA ILE A 453 -0.18 -17.88 -12.95
C ILE A 453 -1.35 -18.28 -13.87
N SER A 454 -1.14 -19.30 -14.72
CA SER A 454 -2.16 -19.77 -15.66
C SER A 454 -3.20 -20.70 -15.02
N GLY A 455 -2.88 -21.23 -13.85
CA GLY A 455 -3.80 -22.12 -13.17
C GLY A 455 -3.60 -22.24 -11.66
N ASP A 456 -4.17 -23.30 -11.11
CA ASP A 456 -4.13 -23.62 -9.68
C ASP A 456 -3.84 -25.10 -9.51
N LYS A 457 -3.44 -25.49 -8.30
CA LYS A 457 -3.19 -26.88 -7.97
C LYS A 457 -4.40 -27.31 -7.13
N ILE A 458 -5.35 -28.00 -7.77
CA ILE A 458 -6.56 -28.50 -7.11
C ILE A 458 -6.51 -30.03 -7.16
N ASN A 459 -6.41 -30.62 -5.97
CA ASN A 459 -6.34 -32.08 -5.70
C ASN A 459 -5.47 -33.00 -6.58
N GLY A 460 -4.15 -32.85 -6.44
CA GLY A 460 -3.18 -33.64 -7.18
C GLY A 460 -3.05 -33.38 -8.68
N ASN A 461 -3.61 -32.25 -9.14
CA ASN A 461 -3.55 -31.89 -10.55
C ASN A 461 -3.53 -30.38 -10.78
N CYS A 462 -3.04 -29.97 -11.95
CA CYS A 462 -2.94 -28.57 -12.33
C CYS A 462 -4.05 -28.19 -13.31
N THR A 463 -4.55 -26.97 -13.18
CA THR A 463 -5.61 -26.46 -14.06
C THR A 463 -5.02 -25.67 -15.24
N GLY A 464 -3.72 -25.40 -15.16
CA GLY A 464 -3.02 -24.66 -16.20
C GLY A 464 -1.78 -25.38 -16.70
N ILE A 465 -0.71 -24.62 -16.96
CA ILE A 465 0.57 -25.13 -17.45
C ILE A 465 1.29 -25.99 -16.38
N LYS A 466 1.93 -27.07 -16.86
CA LYS A 466 2.72 -27.98 -16.03
C LYS A 466 4.20 -27.84 -16.41
N ILE A 467 5.07 -27.76 -15.41
CA ILE A 467 6.53 -27.64 -15.63
C ILE A 467 7.18 -28.88 -15.03
N TYR A 468 8.04 -29.54 -15.81
CA TYR A 468 8.75 -30.74 -15.38
C TYR A 468 10.22 -30.44 -15.09
N VAL A 469 10.60 -30.61 -13.82
CA VAL A 469 11.97 -30.37 -13.37
C VAL A 469 12.68 -31.72 -13.27
N SER A 470 13.89 -31.79 -13.86
CA SER A 470 14.72 -32.99 -13.87
C SER A 470 15.58 -33.09 -12.60
N ASP A 471 16.36 -34.17 -12.51
CA ASP A 471 17.24 -34.45 -11.36
C ASP A 471 18.30 -33.39 -11.06
N ASP A 472 18.81 -32.74 -12.12
CA ASP A 472 19.84 -31.71 -12.01
C ASP A 472 19.30 -30.27 -11.89
N GLY A 473 18.00 -30.15 -11.63
CA GLY A 473 17.38 -28.85 -11.48
C GLY A 473 16.92 -28.15 -12.74
N LYS A 474 17.23 -28.71 -13.92
CA LYS A 474 16.84 -28.11 -15.19
C LYS A 474 15.37 -28.31 -15.55
N ALA A 475 14.80 -27.32 -16.25
CA ALA A 475 13.40 -27.35 -16.67
C ALA A 475 13.16 -26.49 -17.89
N HIS A 476 12.34 -26.98 -18.81
CA HIS A 476 12.00 -26.26 -20.04
C HIS A 476 10.78 -25.37 -19.81
N PHE A 477 10.92 -24.10 -20.20
CA PHE A 477 9.85 -23.12 -20.09
C PHE A 477 9.51 -22.61 -21.47
N SER A 478 8.22 -22.55 -21.78
CA SER A 478 7.78 -22.07 -23.07
C SER A 478 6.71 -20.99 -22.88
N ILE A 479 7.10 -19.74 -23.17
CA ILE A 479 6.20 -18.60 -23.04
C ILE A 479 6.09 -17.81 -24.33
N SER A 480 4.86 -17.62 -24.77
CA SER A 480 4.56 -16.87 -25.97
C SER A 480 4.30 -15.41 -25.59
N ASN A 481 4.65 -14.49 -26.48
CA ASN A 481 4.42 -13.06 -26.28
C ASN A 481 2.94 -12.72 -26.49
N SER A 482 2.16 -13.74 -26.88
CA SER A 482 0.72 -13.64 -27.13
C SER A 482 -0.12 -14.18 -25.95
N ALA A 483 0.55 -14.76 -24.95
CA ALA A 483 -0.09 -15.31 -23.76
C ALA A 483 -0.83 -14.24 -22.97
N GLU A 484 -1.94 -14.61 -22.30
CA GLU A 484 -2.73 -13.65 -21.51
C GLU A 484 -1.87 -13.08 -20.37
N ASP A 485 -0.98 -13.94 -19.86
CA ASP A 485 -0.01 -13.60 -18.81
C ASP A 485 1.34 -14.14 -19.30
N PRO A 486 2.22 -13.25 -19.79
CA PRO A 486 3.54 -13.69 -20.30
C PRO A 486 4.60 -14.08 -19.25
N PHE A 487 4.15 -14.72 -18.17
CA PHE A 487 5.06 -15.16 -17.12
C PHE A 487 4.58 -16.43 -16.42
N ILE A 488 5.55 -17.24 -15.98
CA ILE A 488 5.29 -18.52 -15.29
C ILE A 488 6.00 -18.51 -13.94
N ALA A 489 5.27 -18.96 -12.91
CA ALA A 489 5.81 -19.04 -11.54
C ALA A 489 5.46 -20.38 -10.92
N ILE A 490 6.49 -21.07 -10.43
CA ILE A 490 6.32 -22.36 -9.77
C ILE A 490 7.02 -22.30 -8.42
N HIS A 491 6.43 -22.98 -7.43
CA HIS A 491 6.99 -23.03 -6.07
C HIS A 491 6.85 -24.39 -5.39
N ALA A 492 7.45 -24.53 -4.21
CA ALA A 492 7.45 -25.76 -3.42
C ALA A 492 6.08 -26.33 -3.09
N GLU A 493 5.10 -25.45 -2.93
CA GLU A 493 3.74 -25.86 -2.60
C GLU A 493 2.82 -26.07 -3.81
N SER A 494 3.33 -25.79 -5.01
CA SER A 494 2.56 -26.00 -6.24
C SER A 494 3.02 -27.31 -6.89
N LYS A 495 3.87 -28.03 -6.18
CA LYS A 495 4.42 -29.32 -6.62
C LYS A 495 3.40 -30.43 -6.46
N LEU A 496 3.35 -31.32 -7.44
CA LEU A 496 2.44 -32.46 -7.43
C LEU A 496 3.02 -33.60 -6.60
C1 NAG B . -4.84 -35.27 -13.82
C2 NAG B . -5.18 -36.69 -13.41
C3 NAG B . -4.96 -37.64 -14.58
C4 NAG B . -5.74 -37.21 -15.80
C5 NAG B . -5.50 -35.73 -16.13
C6 NAG B . -6.48 -35.18 -17.18
C7 NAG B . -4.81 -37.57 -11.16
C8 NAG B . -3.75 -37.92 -10.14
N2 NAG B . -4.30 -37.10 -12.29
O3 NAG B . -5.33 -38.97 -14.16
O4 NAG B . -5.32 -37.98 -16.94
O5 NAG B . -5.65 -34.91 -14.92
O6 NAG B . -6.20 -33.79 -17.45
O7 NAG B . -6.02 -37.72 -10.95
CA1 LAG C . -1.07 12.59 1.22
NA1 LAG C . 0.10 11.96 1.41
OA7 LAG C . 1.15 12.70 1.73
CA2 LAG C . -2.20 11.73 0.76
OA2 LAG C . -1.70 10.58 0.25
CA3 LAG C . -3.04 12.51 -0.27
OA3 LAG C . -4.07 11.75 -0.61
CA4 LAG C . -3.48 13.84 0.32
OA4 LAG C . -3.95 14.66 -0.58
CA5 LAG C . -2.42 14.63 1.01
NA5 LAG C . -1.20 13.97 1.40
CA6 LAG C . -3.01 15.05 2.39
OA6 LAG C . -2.94 14.02 3.23
CB1 LAG C . -5.32 14.36 -0.84
CB2 LAG C . -5.55 14.87 -2.32
CB3 LAG C . -5.56 16.43 -2.38
CB4 LAG C . -6.67 16.95 -1.45
CB5 LAG C . -6.29 16.46 0.05
CB6 LAG C . -7.31 16.93 1.08
OB2 LAG C . -4.50 14.38 -3.17
OB3 LAG C . -5.81 16.85 -3.75
OB4 LAG C . -6.71 18.36 -1.51
OB5 LAG C . -6.27 15.00 0.07
OB6 LAG C . -8.62 16.65 0.67
CD1 LAG C . -8.06 18.89 -1.65
CD2 LAG C . -8.25 19.62 -3.03
CD3 LAG C . -7.29 20.87 -3.06
CD4 LAG C . -7.66 21.80 -1.90
CD5 LAG C . -7.48 21.01 -0.53
CD6 LAG C . -7.86 21.93 0.67
OD2 LAG C . -7.93 18.72 -4.07
OD3 LAG C . -7.45 21.57 -4.28
OD4 LAG C . -6.81 22.92 -1.90
OD5 LAG C . -8.35 19.81 -0.54
OD6 LAG C . -9.30 22.08 0.76
CA CA D . 3.52 20.16 8.79
CL CL E . 1.45 5.29 0.77
C1 GOX F . 4.15 15.53 -1.48
N1 GOX F . 4.03 15.16 -0.19
C2 GOX F . 2.99 16.32 -2.12
N5 GOX F . 5.34 15.18 -2.09
O7 GOX F . 4.94 14.50 0.47
O2 GOX F . 1.64 15.94 -1.89
C3 GOX F . 3.27 16.59 -3.61
O3 GOX F . 2.46 17.73 -3.89
C4 GOX F . 4.80 16.89 -3.82
O4 GOX F . 5.07 17.19 -5.19
C5 GOX F . 5.59 15.56 -3.50
C6 GOX F . 7.10 15.58 -3.62
O6 GOX F . 7.64 16.86 -3.24
#